data_5N74
#
_entry.id   5N74
#
_cell.length_a   42.350
_cell.length_b   183.272
_cell.length_c   42.387
_cell.angle_alpha   90.00
_cell.angle_beta   112.33
_cell.angle_gamma   90.00
#
_symmetry.space_group_name_H-M   'P 1 21 1'
#
loop_
_entity.id
_entity.type
_entity.pdbx_description
1 polymer 'Microtubule-associated protein RP/EB family member 1'
2 polymer 'Karyogamy protein KAR9'
3 water water
#
loop_
_entity_poly.entity_id
_entity_poly.type
_entity_poly.pdbx_seq_one_letter_code
_entity_poly.pdbx_strand_id
1 'polypeptide(L)' DEAAELMQQVNVLKLTVEDLEKERDFYFGKLRNIELICQENEGENDPVLQRIVDILYA A,B,C,D,E,F,G,H
2 'polypeptide(L)' GSTRRRTRLRPPTPLSQLLSP I,J,K,L,M,N,O,P
#
# COMPACT_ATOMS: atom_id res chain seq x y z
N ALA A 4 -42.88 38.15 -15.16
CA ALA A 4 -42.32 39.47 -14.77
C ALA A 4 -40.79 39.45 -14.90
N GLU A 5 -40.08 40.19 -14.05
CA GLU A 5 -38.62 40.05 -13.97
C GLU A 5 -38.28 38.60 -13.61
N LEU A 6 -37.22 38.09 -14.21
CA LEU A 6 -36.87 36.68 -14.02
C LEU A 6 -35.50 36.48 -13.37
N MET A 7 -35.52 35.64 -12.34
CA MET A 7 -34.35 35.19 -11.55
C MET A 7 -33.62 34.04 -12.23
N GLN A 8 -34.17 33.60 -13.36
CA GLN A 8 -33.68 32.49 -14.17
C GLN A 8 -32.26 32.76 -14.62
N GLN A 9 -32.02 34.00 -15.04
CA GLN A 9 -30.71 34.45 -15.52
C GLN A 9 -29.61 34.22 -14.50
N VAL A 10 -29.87 34.63 -13.26
CA VAL A 10 -28.89 34.50 -12.17
C VAL A 10 -28.48 33.05 -11.98
N ASN A 11 -29.47 32.18 -11.86
CA ASN A 11 -29.19 30.78 -11.59
C ASN A 11 -28.48 30.13 -12.79
N VAL A 12 -28.89 30.50 -14.00
CA VAL A 12 -28.23 30.00 -15.21
C VAL A 12 -26.76 30.44 -15.27
N LEU A 13 -26.51 31.73 -15.02
CA LEU A 13 -25.15 32.26 -15.02
C LEU A 13 -24.30 31.64 -13.93
N LYS A 14 -24.89 31.42 -12.76
CA LYS A 14 -24.14 30.78 -11.67
C LYS A 14 -23.63 29.38 -12.03
N LEU A 15 -24.45 28.61 -12.74
CA LEU A 15 -24.01 27.29 -13.22
C LEU A 15 -22.86 27.43 -14.21
N THR A 16 -22.97 28.41 -15.10
CA THR A 16 -21.92 28.68 -16.08
C THR A 16 -20.61 29.07 -15.39
N VAL A 17 -20.71 29.88 -14.34
CA VAL A 17 -19.56 30.28 -13.55
C VAL A 17 -18.88 29.10 -12.89
N GLU A 18 -19.66 28.19 -12.30
CA GLU A 18 -19.03 27.03 -11.65
C GLU A 18 -18.40 26.11 -12.70
N ASP A 19 -19.03 25.92 -13.85
CA ASP A 19 -18.46 25.07 -14.90
C ASP A 19 -17.18 25.64 -15.49
N LEU A 20 -17.16 26.95 -15.74
CA LEU A 20 -15.94 27.62 -16.22
C LEU A 20 -14.83 27.60 -15.18
N GLU A 21 -15.18 27.77 -13.90
CA GLU A 21 -14.19 27.71 -12.83
C GLU A 21 -13.52 26.34 -12.80
N LYS A 22 -14.31 25.30 -12.97
CA LYS A 22 -13.80 23.93 -12.96
C LYS A 22 -12.80 23.72 -14.07
N GLU A 23 -13.14 24.15 -15.27
CA GLU A 23 -12.25 23.99 -16.41
C GLU A 23 -10.98 24.78 -16.21
N ARG A 24 -11.12 25.98 -15.68
CA ARG A 24 -9.97 26.83 -15.44
C ARG A 24 -9.04 26.22 -14.43
N ASP A 25 -9.60 25.68 -13.36
CA ASP A 25 -8.80 25.07 -12.31
C ASP A 25 -8.19 23.78 -12.80
N PHE A 26 -8.87 23.12 -13.72
CA PHE A 26 -8.38 21.89 -14.30
C PHE A 26 -7.12 22.15 -15.15
N TYR A 27 -7.18 23.15 -16.02
CA TYR A 27 -6.02 23.48 -16.82
C TYR A 27 -4.88 24.02 -15.95
N PHE A 28 -5.19 24.91 -15.01
CA PHE A 28 -4.15 25.46 -14.14
C PHE A 28 -3.40 24.38 -13.37
N GLY A 29 -4.13 23.38 -12.85
CA GLY A 29 -3.50 22.30 -12.10
C GLY A 29 -2.45 21.57 -12.89
N LYS A 30 -2.74 21.32 -14.17
CA LYS A 30 -1.77 20.70 -15.07
C LYS A 30 -0.53 21.55 -15.24
N LEU A 31 -0.74 22.84 -15.39
CA LEU A 31 0.35 23.76 -15.54
C LEU A 31 1.24 23.75 -14.32
N ARG A 32 0.60 23.70 -13.15
CA ARG A 32 1.33 23.65 -11.91
C ARG A 32 2.12 22.34 -11.83
N ASN A 33 1.51 21.23 -12.24
CA ASN A 33 2.19 19.95 -12.27
C ASN A 33 3.42 20.01 -13.17
N ILE A 34 3.29 20.65 -14.32
CA ILE A 34 4.37 20.78 -15.27
C ILE A 34 5.47 21.67 -14.71
N GLU A 35 5.08 22.76 -14.08
CA GLU A 35 6.06 23.63 -13.42
C GLU A 35 6.93 22.86 -12.44
N LEU A 36 6.31 21.99 -11.64
CA LEU A 36 7.03 21.17 -10.67
C LEU A 36 8.03 20.22 -11.32
N ILE A 37 7.64 19.58 -12.42
CA ILE A 37 8.55 18.72 -13.17
C ILE A 37 9.74 19.50 -13.70
N CYS A 38 9.51 20.70 -14.19
CA CYS A 38 10.60 21.56 -14.70
C CYS A 38 11.52 22.00 -13.58
N GLN A 39 10.95 22.38 -12.45
CA GLN A 39 11.75 22.75 -11.27
C GLN A 39 12.65 21.61 -10.77
N GLU A 40 12.19 20.37 -10.90
CA GLU A 40 13.00 19.19 -10.57
C GLU A 40 14.15 18.98 -11.54
N ASN A 41 14.00 19.43 -12.77
CA ASN A 41 15.05 19.28 -13.80
C ASN A 41 15.77 20.58 -14.15
N GLU A 42 15.87 21.50 -13.20
CA GLU A 42 16.58 22.78 -13.43
C GLU A 42 18.07 22.60 -13.78
N GLY A 43 18.73 21.70 -13.08
CA GLY A 43 20.14 21.40 -13.34
C GLY A 43 20.47 20.83 -14.72
N GLU A 44 19.47 20.22 -15.37
CA GLU A 44 19.65 19.58 -16.68
C GLU A 44 20.10 20.56 -17.78
N ASN A 45 19.65 21.82 -17.69
CA ASN A 45 19.92 22.87 -18.69
C ASN A 45 19.51 22.43 -20.10
N ASP A 46 18.29 21.90 -20.14
CA ASP A 46 17.67 21.37 -21.35
C ASP A 46 17.01 22.50 -22.12
N PRO A 47 17.36 22.68 -23.40
CA PRO A 47 16.80 23.79 -24.16
C PRO A 47 15.30 23.65 -24.41
N VAL A 48 14.80 22.43 -24.56
CA VAL A 48 13.38 22.24 -24.78
C VAL A 48 12.61 22.56 -23.50
N LEU A 49 13.11 22.09 -22.36
CA LEU A 49 12.51 22.44 -21.08
C LEU A 49 12.49 23.93 -20.82
N GLN A 50 13.55 24.62 -21.22
CA GLN A 50 13.67 26.04 -21.03
C GLN A 50 12.57 26.77 -21.80
N ARG A 51 12.31 26.32 -23.02
CA ARG A 51 11.24 26.87 -23.81
C ARG A 51 9.89 26.70 -23.13
N ILE A 52 9.66 25.51 -22.59
CA ILE A 52 8.42 25.21 -21.88
C ILE A 52 8.26 26.09 -20.65
N VAL A 53 9.35 26.29 -19.93
CA VAL A 53 9.36 27.13 -18.74
C VAL A 53 8.98 28.55 -19.08
N ASP A 54 9.52 29.07 -20.17
CA ASP A 54 9.16 30.40 -20.63
C ASP A 54 7.65 30.54 -20.97
N ILE A 55 7.07 29.51 -21.56
CA ILE A 55 5.63 29.53 -21.85
C ILE A 55 4.79 29.61 -20.56
N LEU A 56 5.18 28.82 -19.55
CA LEU A 56 4.50 28.81 -18.26
C LEU A 56 4.42 30.20 -17.65
N TYR A 57 5.53 30.93 -17.73
CA TYR A 57 5.62 32.25 -17.13
C TYR A 57 5.32 33.41 -18.07
N ALA A 58 4.90 33.14 -19.30
CA ALA A 58 4.71 34.22 -20.30
C ALA A 58 3.55 35.17 -19.89
N ALA B 3 -36.00 44.21 -9.94
CA ALA B 3 -35.12 44.59 -8.82
C ALA B 3 -33.71 44.88 -9.32
N ALA B 4 -33.26 46.09 -9.01
CA ALA B 4 -31.93 46.55 -9.42
C ALA B 4 -30.82 45.69 -8.83
N GLU B 5 -30.99 45.21 -7.59
CA GLU B 5 -30.00 44.32 -6.98
C GLU B 5 -29.80 43.06 -7.83
N LEU B 6 -30.91 42.44 -8.24
CA LEU B 6 -30.85 41.26 -9.11
C LEU B 6 -30.19 41.54 -10.45
N MET B 7 -30.51 42.69 -11.04
CA MET B 7 -29.94 43.08 -12.34
C MET B 7 -28.43 43.30 -12.22
N GLN B 8 -27.99 43.91 -11.12
CA GLN B 8 -26.59 44.14 -10.88
C GLN B 8 -25.88 42.81 -10.72
N GLN B 9 -26.52 41.90 -10.00
CA GLN B 9 -25.97 40.58 -9.79
C GLN B 9 -25.79 39.87 -11.14
N VAL B 10 -26.78 39.99 -12.02
CA VAL B 10 -26.71 39.41 -13.36
C VAL B 10 -25.54 39.98 -14.17
N ASN B 11 -25.39 41.30 -14.15
CA ASN B 11 -24.34 41.95 -14.91
C ASN B 11 -22.98 41.59 -14.34
N VAL B 12 -22.90 41.48 -13.03
CA VAL B 12 -21.67 41.09 -12.37
C VAL B 12 -21.28 39.68 -12.77
N LEU B 13 -22.27 38.79 -12.83
CA LEU B 13 -22.00 37.41 -13.21
C LEU B 13 -21.54 37.35 -14.65
N LYS B 14 -22.12 38.19 -15.49
CA LYS B 14 -21.69 38.27 -16.89
C LYS B 14 -20.23 38.65 -17.01
N LEU B 15 -19.78 39.61 -16.20
CA LEU B 15 -18.39 40.03 -16.21
C LEU B 15 -17.54 38.87 -15.76
N THR B 16 -18.03 38.18 -14.73
CA THR B 16 -17.31 37.05 -14.18
C THR B 16 -17.18 35.94 -15.20
N VAL B 17 -18.22 35.69 -15.97
CA VAL B 17 -18.15 34.66 -16.98
C VAL B 17 -17.10 35.01 -18.03
N GLU B 18 -17.07 36.27 -18.44
CA GLU B 18 -16.11 36.70 -19.45
C GLU B 18 -14.70 36.53 -18.96
N ASP B 19 -14.48 36.89 -17.71
CA ASP B 19 -13.19 36.79 -17.08
C ASP B 19 -12.70 35.36 -16.93
N LEU B 20 -13.58 34.46 -16.48
CA LEU B 20 -13.22 33.07 -16.28
C LEU B 20 -12.92 32.44 -17.60
N GLU B 21 -13.71 32.80 -18.60
CA GLU B 21 -13.48 32.29 -19.94
C GLU B 21 -12.09 32.72 -20.42
N LYS B 22 -11.72 33.96 -20.16
CA LYS B 22 -10.42 34.47 -20.54
C LYS B 22 -9.30 33.70 -19.86
N GLU B 23 -9.43 33.50 -18.55
CA GLU B 23 -8.44 32.77 -17.78
C GLU B 23 -8.32 31.33 -18.25
N ARG B 24 -9.46 30.72 -18.53
CA ARG B 24 -9.48 29.35 -18.99
C ARG B 24 -8.78 29.17 -20.31
N ASP B 25 -8.98 30.12 -21.22
CA ASP B 25 -8.36 30.06 -22.52
C ASP B 25 -6.88 30.38 -22.40
N PHE B 26 -6.55 31.29 -21.49
CA PHE B 26 -5.17 31.64 -21.21
C PHE B 26 -4.33 30.43 -20.74
N TYR B 27 -4.83 29.66 -19.76
CA TYR B 27 -4.12 28.48 -19.29
C TYR B 27 -4.11 27.37 -20.31
N PHE B 28 -5.23 27.19 -21.00
CA PHE B 28 -5.33 26.17 -22.02
C PHE B 28 -4.37 26.44 -23.18
N GLY B 29 -4.25 27.70 -23.56
CA GLY B 29 -3.33 28.11 -24.62
C GLY B 29 -1.92 27.67 -24.30
N LYS B 30 -1.49 27.86 -23.05
CA LYS B 30 -0.17 27.45 -22.62
C LYS B 30 0.01 25.95 -22.77
N LEU B 31 -1.00 25.19 -22.34
CA LEU B 31 -0.98 23.75 -22.44
C LEU B 31 -0.86 23.27 -23.87
N ARG B 32 -1.62 23.90 -24.74
CA ARG B 32 -1.59 23.59 -26.17
C ARG B 32 -0.20 23.83 -26.77
N ASN B 33 0.39 24.98 -26.45
CA ASN B 33 1.72 25.30 -26.98
C ASN B 33 2.77 24.34 -26.43
N ILE B 34 2.62 23.94 -25.17
CA ILE B 34 3.51 22.96 -24.58
C ILE B 34 3.40 21.61 -25.28
N GLU B 35 2.16 21.21 -25.59
CA GLU B 35 1.91 19.96 -26.28
C GLU B 35 2.61 19.93 -27.66
N LEU B 36 2.53 21.05 -28.36
CA LEU B 36 3.13 21.17 -29.68
C LEU B 36 4.64 21.01 -29.59
N ILE B 37 5.24 21.62 -28.58
CA ILE B 37 6.67 21.53 -28.39
C ILE B 37 7.09 20.09 -28.11
N CYS B 38 6.34 19.38 -27.29
CA CYS B 38 6.63 17.98 -27.00
C CYS B 38 6.51 17.11 -28.26
N GLN B 39 5.54 17.40 -29.10
CA GLN B 39 5.35 16.66 -30.35
C GLN B 39 6.51 16.81 -31.32
N GLU B 40 7.13 17.99 -31.32
CA GLU B 40 8.30 18.27 -32.16
C GLU B 40 9.52 17.46 -31.75
N ASN B 41 9.57 17.09 -30.46
CA ASN B 41 10.74 16.39 -29.90
C ASN B 41 10.48 14.93 -29.57
N GLU B 42 9.51 14.31 -30.24
CA GLU B 42 9.20 12.90 -30.01
C GLU B 42 10.40 11.98 -30.34
N GLY B 43 11.13 12.31 -31.40
CA GLY B 43 12.30 11.53 -31.81
C GLY B 43 13.37 11.41 -30.74
N GLU B 44 13.70 12.53 -30.12
CA GLU B 44 14.83 12.61 -29.18
C GLU B 44 14.50 11.82 -27.92
N ASN B 45 15.51 11.22 -27.33
CA ASN B 45 15.35 10.50 -26.07
C ASN B 45 15.51 11.50 -24.93
N ASP B 46 14.40 12.16 -24.64
CA ASP B 46 14.29 13.09 -23.54
C ASP B 46 13.03 12.67 -22.79
N PRO B 47 13.17 11.74 -21.84
CA PRO B 47 11.98 11.15 -21.25
C PRO B 47 11.14 12.11 -20.41
N VAL B 48 11.71 13.21 -19.93
CA VAL B 48 10.95 14.20 -19.19
C VAL B 48 9.79 14.79 -20.00
N LEU B 49 9.99 14.97 -21.29
CA LEU B 49 8.92 15.46 -22.18
C LEU B 49 7.75 14.52 -22.25
N GLN B 50 8.01 13.21 -22.25
CA GLN B 50 6.93 12.22 -22.22
C GLN B 50 6.16 12.33 -20.91
N ARG B 51 6.87 12.59 -19.82
CA ARG B 51 6.23 12.76 -18.52
C ARG B 51 5.35 14.01 -18.50
N ILE B 52 5.80 15.07 -19.19
CA ILE B 52 5.01 16.26 -19.37
C ILE B 52 3.78 15.95 -20.21
N VAL B 53 3.98 15.15 -21.26
CA VAL B 53 2.90 14.70 -22.10
C VAL B 53 1.87 13.92 -21.30
N ASP B 54 2.30 13.03 -20.42
CA ASP B 54 1.36 12.27 -19.61
C ASP B 54 0.46 13.17 -18.77
N ILE B 55 1.03 14.24 -18.23
CA ILE B 55 0.24 15.20 -17.47
C ILE B 55 -0.82 15.88 -18.33
N LEU B 56 -0.43 16.29 -19.54
CA LEU B 56 -1.36 16.92 -20.48
C LEU B 56 -2.60 16.04 -20.76
N TYR B 57 -2.38 14.74 -20.93
CA TYR B 57 -3.47 13.83 -21.26
C TYR B 57 -4.14 13.19 -20.03
N ALA B 58 -3.75 13.60 -18.83
CA ALA B 58 -4.30 13.05 -17.59
C ALA B 58 -5.72 13.56 -17.30
N ALA C 4 -42.87 15.38 1.26
CA ALA C 4 -41.64 14.58 1.56
C ALA C 4 -40.59 14.58 0.42
N GLU C 5 -40.79 15.35 -0.64
CA GLU C 5 -39.79 15.47 -1.71
C GLU C 5 -38.45 16.03 -1.18
N LEU C 6 -38.54 17.04 -0.34
CA LEU C 6 -37.34 17.63 0.28
C LEU C 6 -36.63 16.62 1.17
N MET C 7 -37.41 15.84 1.91
CA MET C 7 -36.84 14.81 2.79
C MET C 7 -36.06 13.77 1.98
N GLN C 8 -36.65 13.37 0.85
CA GLN C 8 -36.01 12.45 -0.10
C GLN C 8 -34.74 13.08 -0.63
N GLN C 9 -34.81 14.36 -0.98
CA GLN C 9 -33.65 15.09 -1.47
C GLN C 9 -32.55 15.23 -0.42
N VAL C 10 -32.95 15.49 0.83
CA VAL C 10 -31.99 15.64 1.93
C VAL C 10 -31.13 14.40 2.10
N ASN C 11 -31.77 13.23 2.07
CA ASN C 11 -31.03 11.98 2.26
C ASN C 11 -30.02 11.74 1.16
N VAL C 12 -30.38 12.11 -0.07
CA VAL C 12 -29.49 11.94 -1.21
C VAL C 12 -28.23 12.75 -0.97
N LEU C 13 -28.43 14.01 -0.59
CA LEU C 13 -27.32 14.89 -0.31
C LEU C 13 -26.46 14.38 0.84
N LYS C 14 -27.13 13.88 1.89
CA LYS C 14 -26.43 13.27 3.02
C LYS C 14 -25.44 12.19 2.59
N LEU C 15 -25.85 11.31 1.68
CA LEU C 15 -24.99 10.24 1.19
C LEU C 15 -23.80 10.82 0.42
N THR C 16 -24.04 11.86 -0.36
CA THR C 16 -22.97 12.51 -1.10
C THR C 16 -21.98 13.17 -0.16
N VAL C 17 -22.51 13.82 0.87
CA VAL C 17 -21.63 14.42 1.90
C VAL C 17 -20.73 13.39 2.55
N GLU C 18 -21.28 12.23 2.87
CA GLU C 18 -20.51 11.14 3.48
C GLU C 18 -19.40 10.66 2.57
N ASP C 19 -19.71 10.41 1.30
CA ASP C 19 -18.70 9.95 0.34
C ASP C 19 -17.58 10.95 0.19
N LEU C 20 -17.93 12.22 0.08
CA LEU C 20 -16.94 13.29 -0.08
C LEU C 20 -16.12 13.48 1.17
N GLU C 21 -16.77 13.44 2.32
CA GLU C 21 -16.03 13.56 3.56
C GLU C 21 -15.01 12.43 3.69
N LYS C 22 -15.39 11.22 3.33
CA LYS C 22 -14.48 10.09 3.42
C LYS C 22 -13.29 10.25 2.49
N GLU C 23 -13.52 10.67 1.25
CA GLU C 23 -12.41 10.87 0.32
C GLU C 23 -11.52 11.97 0.83
N ARG C 24 -12.13 13.04 1.30
CA ARG C 24 -11.38 14.18 1.81
C ARG C 24 -10.44 13.78 2.94
N ASP C 25 -10.97 12.99 3.88
CA ASP C 25 -10.21 12.55 5.04
C ASP C 25 -9.13 11.55 4.63
N PHE C 26 -9.45 10.73 3.64
CA PHE C 26 -8.54 9.72 3.11
C PHE C 26 -7.31 10.41 2.55
N TYR C 27 -7.52 11.47 1.77
CA TYR C 27 -6.39 12.20 1.21
C TYR C 27 -5.61 12.95 2.31
N PHE C 28 -6.31 13.59 3.25
CA PHE C 28 -5.61 14.32 4.30
C PHE C 28 -4.79 13.37 5.17
N GLY C 29 -5.29 12.16 5.40
CA GLY C 29 -4.56 11.15 6.17
C GLY C 29 -3.22 10.82 5.54
N LYS C 30 -3.17 10.78 4.22
CA LYS C 30 -1.92 10.56 3.52
C LYS C 30 -0.95 11.72 3.73
N LEU C 31 -1.47 12.93 3.62
CA LEU C 31 -0.65 14.11 3.81
C LEU C 31 -0.08 14.14 5.22
N ARG C 32 -0.88 13.74 6.21
CA ARG C 32 -0.42 13.72 7.59
C ARG C 32 0.72 12.74 7.77
N ASN C 33 0.60 11.56 7.18
CA ASN C 33 1.67 10.57 7.24
C ASN C 33 2.95 11.04 6.53
N ILE C 34 2.80 11.75 5.42
CA ILE C 34 3.95 12.30 4.69
C ILE C 34 4.62 13.42 5.47
N GLU C 35 3.82 14.24 6.14
CA GLU C 35 4.36 15.28 7.00
C GLU C 35 5.21 14.68 8.10
N LEU C 36 4.72 13.60 8.71
CA LEU C 36 5.43 12.93 9.80
C LEU C 36 6.80 12.41 9.36
N ILE C 37 6.83 11.65 8.26
CA ILE C 37 8.09 11.10 7.78
C ILE C 37 9.09 12.21 7.39
N CYS C 38 8.57 13.32 6.87
CA CYS C 38 9.42 14.47 6.54
C CYS C 38 9.99 15.11 7.79
N GLN C 39 9.14 15.30 8.80
CA GLN C 39 9.55 15.88 10.09
C GLN C 39 10.66 15.03 10.70
N GLU C 40 10.50 13.71 10.60
CA GLU C 40 11.50 12.76 11.07
C GLU C 40 12.85 12.87 10.38
N ASN C 41 12.88 13.23 9.10
CA ASN C 41 14.12 13.39 8.34
C ASN C 41 14.51 14.84 8.11
N GLU C 42 14.00 15.73 8.95
CA GLU C 42 14.28 17.17 8.85
C GLU C 42 15.77 17.52 8.97
N GLY C 43 16.45 16.88 9.93
CA GLY C 43 17.87 17.11 10.18
C GLY C 43 18.80 16.82 9.01
N GLU C 44 18.33 15.97 8.08
CA GLU C 44 19.08 15.60 6.89
C GLU C 44 19.31 16.73 5.86
N ASN C 45 18.37 17.68 5.80
CA ASN C 45 18.37 18.77 4.80
C ASN C 45 18.35 18.32 3.32
N ASP C 46 17.67 17.20 3.06
CA ASP C 46 17.46 16.68 1.72
C ASP C 46 16.66 17.71 0.94
N PRO C 47 17.17 18.16 -0.23
CA PRO C 47 16.45 19.14 -1.04
C PRO C 47 15.10 18.63 -1.58
N VAL C 48 15.02 17.35 -1.91
CA VAL C 48 13.77 16.77 -2.39
C VAL C 48 12.71 16.77 -1.30
N LEU C 49 13.11 16.47 -0.07
CA LEU C 49 12.20 16.49 1.06
C LEU C 49 11.68 17.87 1.35
N GLN C 50 12.55 18.86 1.21
CA GLN C 50 12.17 20.26 1.43
C GLN C 50 11.10 20.73 0.42
N ARG C 51 11.28 20.33 -0.84
CA ARG C 51 10.31 20.69 -1.87
C ARG C 51 8.97 20.00 -1.63
N ILE C 52 9.01 18.78 -1.13
CA ILE C 52 7.80 18.07 -0.71
C ILE C 52 7.11 18.81 0.43
N VAL C 53 7.88 19.25 1.41
CA VAL C 53 7.35 20.05 2.51
C VAL C 53 6.69 21.35 2.04
N ASP C 54 7.28 22.00 1.06
CA ASP C 54 6.70 23.21 0.48
C ASP C 54 5.33 23.00 -0.14
N ILE C 55 5.14 21.86 -0.78
CA ILE C 55 3.84 21.50 -1.32
C ILE C 55 2.85 21.30 -0.19
N LEU C 56 3.28 20.59 0.85
CA LEU C 56 2.44 20.30 2.00
C LEU C 56 1.84 21.58 2.60
N TYR C 57 2.68 22.59 2.80
CA TYR C 57 2.25 23.82 3.44
C TYR C 57 1.86 24.95 2.49
N ALA C 58 1.80 24.66 1.20
CA ALA C 58 1.28 25.61 0.24
C ALA C 58 -0.23 25.72 0.39
N ALA D 4 -41.79 23.24 7.66
CA ALA D 4 -40.79 22.57 6.79
C ALA D 4 -39.53 23.43 6.68
N GLU D 5 -38.54 23.09 7.51
CA GLU D 5 -37.24 23.75 7.53
C GLU D 5 -36.23 22.96 6.68
N LEU D 6 -36.74 22.03 5.88
CA LEU D 6 -35.94 21.19 5.02
C LEU D 6 -35.30 21.99 3.89
N MET D 7 -35.93 23.09 3.49
CA MET D 7 -35.35 24.01 2.48
C MET D 7 -33.99 24.51 2.97
N GLN D 8 -33.90 24.89 4.24
CA GLN D 8 -32.65 25.34 4.82
C GLN D 8 -31.64 24.19 4.81
N GLN D 9 -32.12 22.99 5.13
CA GLN D 9 -31.27 21.81 5.14
C GLN D 9 -30.64 21.49 3.79
N VAL D 10 -31.46 21.43 2.74
CA VAL D 10 -30.92 21.15 1.40
C VAL D 10 -29.91 22.21 0.97
N ASN D 11 -30.19 23.47 1.26
CA ASN D 11 -29.28 24.51 0.88
C ASN D 11 -27.96 24.37 1.62
N VAL D 12 -28.02 24.04 2.90
CA VAL D 12 -26.81 23.84 3.68
C VAL D 12 -26.02 22.65 3.16
N LEU D 13 -26.72 21.57 2.84
CA LEU D 13 -26.11 20.38 2.33
C LEU D 13 -25.45 20.62 0.99
N LYS D 14 -26.09 21.43 0.15
CA LYS D 14 -25.54 21.75 -1.16
C LYS D 14 -24.24 22.50 -1.00
N LEU D 15 -24.23 23.44 -0.07
CA LEU D 15 -23.04 24.23 0.21
C LEU D 15 -21.94 23.35 0.79
N THR D 16 -22.33 22.43 1.65
CA THR D 16 -21.40 21.50 2.27
C THR D 16 -20.77 20.62 1.22
N VAL D 17 -21.56 20.17 0.27
CA VAL D 17 -21.06 19.32 -0.80
C VAL D 17 -20.04 20.12 -1.61
N GLU D 18 -20.33 21.38 -1.84
CA GLU D 18 -19.43 22.22 -2.60
C GLU D 18 -18.12 22.38 -1.85
N ASP D 19 -18.21 22.70 -0.57
CA ASP D 19 -17.04 22.87 0.25
C ASP D 19 -16.23 21.59 0.40
N LEU D 20 -16.90 20.45 0.53
CA LEU D 20 -16.20 19.18 0.66
C LEU D 20 -15.45 18.82 -0.62
N GLU D 21 -16.07 19.03 -1.78
CA GLU D 21 -15.40 18.75 -3.03
C GLU D 21 -14.18 19.67 -3.17
N LYS D 22 -14.29 20.93 -2.78
CA LYS D 22 -13.18 21.86 -2.85
C LYS D 22 -12.00 21.41 -2.00
N GLU D 23 -12.27 21.03 -0.76
CA GLU D 23 -11.23 20.60 0.15
C GLU D 23 -10.57 19.33 -0.35
N ARG D 24 -11.38 18.42 -0.85
CA ARG D 24 -10.88 17.14 -1.33
C ARG D 24 -9.91 17.34 -2.48
N ASP D 25 -10.25 18.25 -3.39
CA ASP D 25 -9.43 18.56 -4.55
C ASP D 25 -8.12 19.24 -4.15
N PHE D 26 -8.20 20.07 -3.11
CA PHE D 26 -7.03 20.77 -2.59
C PHE D 26 -5.99 19.78 -2.03
N TYR D 27 -6.45 18.85 -1.17
CA TYR D 27 -5.54 17.86 -0.61
C TYR D 27 -5.07 16.87 -1.66
N PHE D 28 -5.95 16.48 -2.57
CA PHE D 28 -5.54 15.61 -3.66
C PHE D 28 -4.52 16.26 -4.57
N GLY D 29 -4.71 17.55 -4.87
CA GLY D 29 -3.74 18.33 -5.64
C GLY D 29 -2.33 18.21 -5.07
N LYS D 30 -2.22 18.30 -3.74
CA LYS D 30 -0.93 18.15 -3.08
C LYS D 30 -0.33 16.77 -3.29
N LEU D 31 -1.16 15.73 -3.15
CA LEU D 31 -0.66 14.38 -3.29
C LEU D 31 -0.17 14.11 -4.70
N ARG D 32 -0.89 14.64 -5.69
CA ARG D 32 -0.53 14.45 -7.07
C ARG D 32 0.80 15.14 -7.36
N ASN D 33 0.97 16.35 -6.86
CA ASN D 33 2.25 17.06 -6.94
C ASN D 33 3.38 16.28 -6.30
N ILE D 34 3.12 15.71 -5.13
CA ILE D 34 4.11 14.96 -4.40
C ILE D 34 4.47 13.69 -5.15
N GLU D 35 3.49 13.09 -5.81
CA GLU D 35 3.75 11.90 -6.61
C GLU D 35 4.69 12.22 -7.75
N LEU D 36 4.46 13.37 -8.38
CA LEU D 36 5.28 13.81 -9.50
C LEU D 36 6.71 14.10 -9.07
N ILE D 37 6.88 14.70 -7.91
CA ILE D 37 8.20 14.96 -7.37
C ILE D 37 8.93 13.66 -7.11
N CYS D 38 8.24 12.69 -6.51
CA CYS D 38 8.81 11.36 -6.29
C CYS D 38 9.17 10.66 -7.59
N GLN D 39 8.32 10.76 -8.61
CA GLN D 39 8.61 10.15 -9.89
C GLN D 39 9.82 10.78 -10.62
N GLU D 40 10.09 12.05 -10.35
CA GLU D 40 11.29 12.69 -10.84
C GLU D 40 12.57 12.30 -10.11
N ASN D 41 12.46 11.73 -8.91
CA ASN D 41 13.63 11.33 -8.12
C ASN D 41 13.71 9.81 -7.81
N GLU D 42 13.19 9.00 -8.73
CA GLU D 42 13.21 7.54 -8.57
C GLU D 42 14.61 6.91 -8.62
N GLY D 43 15.52 7.50 -9.38
CA GLY D 43 16.87 6.95 -9.55
C GLY D 43 17.69 6.90 -8.26
N GLU D 44 17.49 7.91 -7.42
CA GLU D 44 18.14 8.01 -6.11
C GLU D 44 17.99 6.79 -5.21
N ASN D 45 16.85 6.10 -5.36
CA ASN D 45 16.45 4.96 -4.51
C ASN D 45 16.46 5.38 -3.02
N ASP D 46 15.96 6.59 -2.79
CA ASP D 46 15.92 7.19 -1.47
C ASP D 46 14.86 6.42 -0.69
N PRO D 47 15.25 5.86 0.46
CA PRO D 47 14.32 5.06 1.25
C PRO D 47 13.16 5.88 1.78
N VAL D 48 13.40 7.15 2.11
CA VAL D 48 12.31 8.01 2.57
C VAL D 48 11.28 8.22 1.45
N LEU D 49 11.77 8.40 0.24
CA LEU D 49 10.89 8.58 -0.90
C LEU D 49 10.11 7.29 -1.17
N GLN D 50 10.72 6.13 -0.97
CA GLN D 50 9.99 4.87 -1.16
C GLN D 50 8.83 4.78 -0.15
N ARG D 51 9.05 5.27 1.08
CA ARG D 51 8.01 5.29 2.08
C ARG D 51 6.93 6.30 1.73
N ILE D 52 7.32 7.46 1.21
CA ILE D 52 6.33 8.45 0.82
C ILE D 52 5.46 7.88 -0.30
N VAL D 53 6.08 7.25 -1.29
CA VAL D 53 5.34 6.64 -2.38
C VAL D 53 4.40 5.55 -1.82
N ASP D 54 4.92 4.81 -0.86
CA ASP D 54 4.17 3.75 -0.18
C ASP D 54 2.88 4.29 0.47
N ILE D 55 2.99 5.47 1.09
CA ILE D 55 1.85 6.15 1.66
C ILE D 55 0.85 6.61 0.60
N LEU D 56 1.35 7.16 -0.50
CA LEU D 56 0.50 7.64 -1.57
C LEU D 56 -0.38 6.55 -2.17
N TYR D 57 0.20 5.39 -2.41
CA TYR D 57 -0.53 4.31 -3.03
C TYR D 57 -1.33 3.40 -2.12
N ALA D 58 -1.19 3.58 -0.82
CA ALA D 58 -1.89 2.74 0.15
C ALA D 58 -3.40 2.85 0.02
N GLU E 5 19.22 -55.46 8.15
CA GLU E 5 18.55 -54.42 8.98
C GLU E 5 17.27 -53.96 8.30
N LEU E 6 17.42 -53.23 7.18
CA LEU E 6 16.28 -52.59 6.40
C LEU E 6 15.64 -51.37 7.08
N MET E 7 16.03 -51.11 8.33
CA MET E 7 15.54 -49.99 9.08
C MET E 7 16.08 -48.70 8.47
N GLN E 8 17.26 -48.78 7.86
CA GLN E 8 17.85 -47.64 7.17
C GLN E 8 16.97 -47.06 6.08
N GLN E 9 16.32 -47.94 5.32
CA GLN E 9 15.37 -47.51 4.28
C GLN E 9 14.21 -46.74 4.90
N VAL E 10 13.69 -47.23 6.03
CA VAL E 10 12.65 -46.53 6.79
C VAL E 10 13.19 -45.21 7.28
N ASN E 11 14.40 -45.25 7.83
CA ASN E 11 15.05 -44.06 8.37
C ASN E 11 15.39 -43.06 7.27
N VAL E 12 15.77 -43.55 6.09
CA VAL E 12 15.99 -42.66 4.95
C VAL E 12 14.68 -42.01 4.53
N LEU E 13 13.62 -42.80 4.48
CA LEU E 13 12.31 -42.26 4.16
C LEU E 13 11.79 -41.21 5.16
N LYS E 14 12.08 -41.39 6.44
CA LYS E 14 11.73 -40.40 7.45
C LYS E 14 12.43 -39.06 7.21
N LEU E 15 13.68 -39.12 6.75
CA LEU E 15 14.43 -37.91 6.46
C LEU E 15 13.82 -37.21 5.26
N THR E 16 13.48 -37.98 4.25
CA THR E 16 12.87 -37.47 3.05
C THR E 16 11.53 -36.83 3.37
N VAL E 17 10.77 -37.49 4.22
CA VAL E 17 9.48 -36.99 4.64
C VAL E 17 9.67 -35.66 5.34
N GLU E 18 10.62 -35.62 6.27
CA GLU E 18 10.89 -34.40 7.01
C GLU E 18 11.28 -33.28 6.07
N ASP E 19 12.17 -33.60 5.14
CA ASP E 19 12.64 -32.64 4.17
C ASP E 19 11.56 -32.12 3.23
N LEU E 20 10.74 -33.02 2.72
CA LEU E 20 9.67 -32.63 1.82
C LEU E 20 8.68 -31.72 2.52
N GLU E 21 8.36 -32.04 3.77
CA GLU E 21 7.45 -31.25 4.57
C GLU E 21 7.96 -29.83 4.77
N LYS E 22 9.26 -29.69 5.02
CA LYS E 22 9.85 -28.37 5.21
C LYS E 22 9.76 -27.54 3.94
N GLU E 23 10.05 -28.16 2.80
CA GLU E 23 9.97 -27.45 1.54
C GLU E 23 8.54 -27.01 1.26
N ARG E 24 7.60 -27.91 1.53
CA ARG E 24 6.20 -27.62 1.32
C ARG E 24 5.70 -26.48 2.16
N ASP E 25 6.13 -26.43 3.42
CA ASP E 25 5.71 -25.37 4.31
C ASP E 25 6.41 -24.05 3.97
N PHE E 26 7.63 -24.16 3.47
CA PHE E 26 8.39 -23.02 2.99
C PHE E 26 7.69 -22.33 1.83
N TYR E 27 7.29 -23.12 0.82
CA TYR E 27 6.56 -22.57 -0.34
C TYR E 27 5.18 -22.04 0.04
N PHE E 28 4.47 -22.77 0.87
CA PHE E 28 3.17 -22.31 1.30
C PHE E 28 3.25 -21.01 2.09
N GLY E 29 4.21 -20.90 3.00
CA GLY E 29 4.43 -19.68 3.77
C GLY E 29 4.56 -18.47 2.87
N LYS E 30 5.33 -18.62 1.80
CA LYS E 30 5.46 -17.58 0.77
C LYS E 30 4.12 -17.19 0.17
N LEU E 31 3.33 -18.20 -0.17
CA LEU E 31 2.01 -17.98 -0.75
C LEU E 31 1.12 -17.26 0.23
N ARG E 32 1.19 -17.63 1.51
CA ARG E 32 0.41 -16.97 2.54
C ARG E 32 0.75 -15.50 2.65
N ASN E 33 2.04 -15.22 2.64
CA ASN E 33 2.50 -13.86 2.76
C ASN E 33 2.05 -13.03 1.54
N ILE E 34 2.13 -13.62 0.36
CA ILE E 34 1.68 -12.94 -0.87
C ILE E 34 0.18 -12.69 -0.85
N GLU E 35 -0.59 -13.65 -0.34
CA GLU E 35 -2.03 -13.47 -0.17
C GLU E 35 -2.34 -12.26 0.71
N LEU E 36 -1.62 -12.12 1.83
CA LEU E 36 -1.84 -10.98 2.72
C LEU E 36 -1.60 -9.68 1.99
N ILE E 37 -0.55 -9.64 1.18
CA ILE E 37 -0.21 -8.43 0.44
C ILE E 37 -1.33 -8.06 -0.53
N CYS E 38 -1.89 -9.05 -1.22
CA CYS E 38 -2.99 -8.80 -2.16
C CYS E 38 -4.26 -8.32 -1.45
N GLN E 39 -4.54 -8.93 -0.32
CA GLN E 39 -5.66 -8.51 0.51
C GLN E 39 -5.47 -7.08 1.04
N GLU E 40 -4.23 -6.72 1.37
CA GLU E 40 -3.93 -5.37 1.86
C GLU E 40 -4.20 -4.32 0.80
N ASN E 41 -3.91 -4.63 -0.45
CA ASN E 41 -4.05 -3.66 -1.55
C ASN E 41 -5.26 -3.91 -2.49
N GLU E 42 -6.32 -4.53 -1.96
CA GLU E 42 -7.56 -4.77 -2.73
C GLU E 42 -8.24 -3.51 -3.30
N GLY E 43 -8.36 -2.48 -2.44
CA GLY E 43 -8.96 -1.19 -2.81
C GLY E 43 -8.43 -0.54 -4.08
N GLU E 44 -7.15 -0.77 -4.38
CA GLU E 44 -6.49 -0.23 -5.57
C GLU E 44 -7.09 -0.81 -6.85
N ASN E 45 -7.51 -2.06 -6.77
CA ASN E 45 -8.07 -2.82 -7.88
C ASN E 45 -7.09 -2.92 -9.05
N ASP E 46 -5.81 -3.08 -8.68
CA ASP E 46 -4.72 -3.22 -9.63
C ASP E 46 -4.89 -4.52 -10.41
N PRO E 47 -4.71 -4.45 -11.73
CA PRO E 47 -4.85 -5.60 -12.61
C PRO E 47 -3.77 -6.64 -12.36
N VAL E 48 -2.54 -6.20 -12.18
CA VAL E 48 -1.43 -7.13 -11.89
C VAL E 48 -1.71 -7.95 -10.64
N LEU E 49 -2.28 -7.31 -9.60
CA LEU E 49 -2.61 -8.02 -8.37
C LEU E 49 -3.71 -9.05 -8.59
N GLN E 50 -4.66 -8.74 -9.46
CA GLN E 50 -5.74 -9.67 -9.75
C GLN E 50 -5.22 -10.95 -10.41
N ARG E 51 -4.25 -10.81 -11.30
CA ARG E 51 -3.64 -11.98 -11.93
C ARG E 51 -2.98 -12.87 -10.88
N ILE E 52 -2.27 -12.26 -9.93
CA ILE E 52 -1.61 -12.99 -8.87
C ILE E 52 -2.62 -13.72 -7.99
N VAL E 53 -3.72 -13.05 -7.68
CA VAL E 53 -4.79 -13.62 -6.87
C VAL E 53 -5.42 -14.83 -7.55
N ASP E 54 -5.60 -14.76 -8.87
CA ASP E 54 -6.17 -15.88 -9.61
C ASP E 54 -5.27 -17.11 -9.56
N ILE E 55 -3.97 -16.88 -9.65
CA ILE E 55 -2.96 -17.94 -9.50
C ILE E 55 -3.05 -18.60 -8.12
N LEU E 56 -3.14 -17.78 -7.07
CA LEU E 56 -3.23 -18.27 -5.70
C LEU E 56 -4.44 -19.17 -5.49
N TYR E 57 -5.57 -18.75 -6.07
CA TYR E 57 -6.84 -19.48 -5.90
C TYR E 57 -7.17 -20.36 -7.10
N ALA E 58 -6.17 -20.70 -7.91
CA ALA E 58 -6.39 -21.60 -9.05
C ALA E 58 -6.33 -23.04 -8.58
N LEU F 6 9.01 -57.77 7.37
CA LEU F 6 8.01 -56.90 6.70
C LEU F 6 7.59 -55.77 7.63
N MET F 7 7.59 -54.55 7.10
CA MET F 7 7.21 -53.37 7.88
C MET F 7 6.19 -52.55 7.12
N GLN F 8 5.09 -52.25 7.80
CA GLN F 8 4.06 -51.39 7.24
C GLN F 8 4.60 -49.97 7.08
N GLN F 9 5.47 -49.55 8.00
CA GLN F 9 6.12 -48.24 7.97
C GLN F 9 6.70 -47.86 6.61
N VAL F 10 7.40 -48.79 5.98
CA VAL F 10 8.01 -48.51 4.67
C VAL F 10 6.96 -48.09 3.68
N ASN F 11 5.86 -48.82 3.64
CA ASN F 11 4.81 -48.57 2.68
C ASN F 11 4.08 -47.26 2.97
N VAL F 12 3.71 -47.03 4.23
CA VAL F 12 3.01 -45.79 4.58
C VAL F 12 3.90 -44.57 4.32
N LEU F 13 5.19 -44.69 4.61
CA LEU F 13 6.11 -43.60 4.37
C LEU F 13 6.24 -43.28 2.89
N LYS F 14 6.27 -44.30 2.05
CA LYS F 14 6.33 -44.07 0.61
C LYS F 14 5.09 -43.30 0.12
N LEU F 15 3.93 -43.60 0.71
CA LEU F 15 2.69 -42.91 0.37
C LEU F 15 2.77 -41.45 0.79
N THR F 16 3.29 -41.22 1.99
CA THR F 16 3.45 -39.89 2.52
C THR F 16 4.37 -39.09 1.63
N VAL F 17 5.43 -39.71 1.16
CA VAL F 17 6.40 -39.07 0.29
C VAL F 17 5.77 -38.65 -1.02
N GLU F 18 4.90 -39.49 -1.56
CA GLU F 18 4.27 -39.21 -2.83
C GLU F 18 3.32 -38.04 -2.69
N ASP F 19 2.54 -38.04 -1.61
CA ASP F 19 1.62 -36.95 -1.35
C ASP F 19 2.29 -35.61 -1.09
N LEU F 20 3.35 -35.62 -0.29
CA LEU F 20 4.07 -34.39 0.05
C LEU F 20 4.74 -33.81 -1.16
N GLU F 21 5.21 -34.68 -2.04
CA GLU F 21 5.84 -34.23 -3.26
C GLU F 21 4.85 -33.48 -4.13
N LYS F 22 3.64 -34.00 -4.22
CA LYS F 22 2.60 -33.37 -5.02
C LYS F 22 2.23 -32.00 -4.45
N GLU F 23 2.05 -31.92 -3.14
CA GLU F 23 1.70 -30.66 -2.52
C GLU F 23 2.78 -29.62 -2.70
N ARG F 24 4.02 -30.05 -2.56
CA ARG F 24 5.16 -29.16 -2.71
C ARG F 24 5.23 -28.64 -4.13
N ASP F 25 5.04 -29.53 -5.09
CA ASP F 25 5.12 -29.14 -6.49
C ASP F 25 4.00 -28.18 -6.82
N PHE F 26 2.84 -28.47 -6.27
CA PHE F 26 1.65 -27.66 -6.45
C PHE F 26 1.87 -26.23 -5.96
N TYR F 27 2.33 -26.10 -4.71
CA TYR F 27 2.63 -24.78 -4.17
C TYR F 27 3.75 -24.08 -4.92
N PHE F 28 4.80 -24.80 -5.28
CA PHE F 28 5.92 -24.20 -6.02
C PHE F 28 5.51 -23.75 -7.41
N GLY F 29 4.61 -24.49 -8.05
CA GLY F 29 4.08 -24.10 -9.34
C GLY F 29 3.40 -22.75 -9.28
N LYS F 30 2.65 -22.51 -8.21
CA LYS F 30 2.04 -21.20 -8.01
C LYS F 30 3.09 -20.09 -7.89
N LEU F 31 4.18 -20.36 -7.19
CA LEU F 31 5.23 -19.36 -7.02
C LEU F 31 5.92 -19.01 -8.33
N ARG F 32 6.19 -20.00 -9.16
CA ARG F 32 6.87 -19.77 -10.44
C ARG F 32 6.03 -18.84 -11.32
N ASN F 33 4.74 -19.11 -11.38
CA ASN F 33 3.81 -18.27 -12.14
C ASN F 33 3.72 -16.83 -11.63
N ILE F 34 3.74 -16.67 -10.31
CA ILE F 34 3.77 -15.35 -9.70
C ILE F 34 5.08 -14.66 -10.03
N GLU F 35 6.19 -15.39 -10.00
CA GLU F 35 7.47 -14.84 -10.42
C GLU F 35 7.42 -14.35 -11.87
N LEU F 36 6.81 -15.14 -12.74
CA LEU F 36 6.65 -14.74 -14.15
C LEU F 36 5.83 -13.46 -14.29
N ILE F 37 4.72 -13.39 -13.55
CA ILE F 37 3.89 -12.19 -13.52
C ILE F 37 4.73 -10.98 -13.11
N CYS F 38 5.50 -11.13 -12.05
CA CYS F 38 6.37 -10.04 -11.58
C CYS F 38 7.42 -9.69 -12.63
N GLN F 39 7.98 -10.70 -13.27
CA GLN F 39 8.95 -10.47 -14.35
C GLN F 39 8.33 -9.74 -15.56
N GLU F 40 7.10 -10.10 -15.90
CA GLU F 40 6.35 -9.45 -16.98
C GLU F 40 6.10 -7.96 -16.66
N ASN F 41 5.87 -7.65 -15.39
CA ASN F 41 5.59 -6.27 -14.95
C ASN F 41 6.75 -5.59 -14.23
N GLU F 42 7.97 -6.08 -14.43
CA GLU F 42 9.14 -5.53 -13.73
C GLU F 42 9.60 -4.15 -14.22
N GLY F 43 9.00 -3.67 -15.30
CA GLY F 43 9.36 -2.37 -15.84
C GLY F 43 8.40 -1.23 -15.52
N GLU F 44 7.74 -1.30 -14.36
CA GLU F 44 6.80 -0.27 -13.93
C GLU F 44 7.11 0.41 -12.62
N ASN F 45 8.15 -0.04 -11.93
CA ASN F 45 8.52 0.51 -10.62
C ASN F 45 7.33 0.52 -9.64
N ASP F 46 6.61 -0.59 -9.56
CA ASP F 46 5.46 -0.72 -8.68
C ASP F 46 5.93 -1.33 -7.37
N PRO F 47 5.80 -0.58 -6.29
CA PRO F 47 6.23 -1.01 -4.96
C PRO F 47 5.60 -2.30 -4.44
N VAL F 48 4.29 -2.50 -4.64
CA VAL F 48 3.63 -3.72 -4.18
C VAL F 48 4.34 -4.94 -4.75
N LEU F 49 4.70 -4.88 -6.03
CA LEU F 49 5.38 -5.99 -6.68
C LEU F 49 6.74 -6.27 -6.10
N GLN F 50 7.41 -5.21 -5.66
CA GLN F 50 8.70 -5.33 -5.01
C GLN F 50 8.61 -6.16 -3.73
N ARG F 51 7.55 -5.94 -2.96
CA ARG F 51 7.33 -6.71 -1.74
C ARG F 51 7.12 -8.17 -2.06
N ILE F 52 6.32 -8.43 -3.09
CA ILE F 52 6.03 -9.78 -3.54
C ILE F 52 7.31 -10.45 -4.01
N VAL F 53 8.13 -9.73 -4.74
CA VAL F 53 9.42 -10.27 -5.21
C VAL F 53 10.32 -10.60 -4.03
N ASP F 54 10.34 -9.75 -3.02
CA ASP F 54 11.16 -10.01 -1.82
C ASP F 54 10.72 -11.30 -1.12
N ILE F 55 9.41 -11.50 -1.04
CA ILE F 55 8.89 -12.72 -0.45
C ILE F 55 9.31 -13.96 -1.23
N LEU F 56 9.20 -13.89 -2.56
CA LEU F 56 9.56 -15.01 -3.42
C LEU F 56 11.00 -15.46 -3.21
N TYR F 57 11.92 -14.50 -3.10
CA TYR F 57 13.33 -14.83 -2.94
C TYR F 57 13.84 -14.76 -1.51
N ALA F 58 12.94 -14.68 -0.52
CA ALA F 58 13.39 -14.80 0.87
C ALA F 58 13.77 -16.25 1.17
N ALA G 4 3.96 -50.68 29.51
CA ALA G 4 2.61 -50.27 29.02
C ALA G 4 2.31 -48.81 29.33
N GLU G 5 2.37 -48.46 30.61
CA GLU G 5 2.17 -47.08 31.05
C GLU G 5 3.17 -46.19 30.34
N LEU G 6 4.44 -46.56 30.43
CA LEU G 6 5.51 -45.84 29.76
C LEU G 6 5.34 -45.89 28.25
N MET G 7 4.89 -47.03 27.75
CA MET G 7 4.63 -47.25 26.33
C MET G 7 3.67 -46.21 25.76
N GLN G 8 2.60 -45.90 26.48
CA GLN G 8 1.67 -44.86 26.02
C GLN G 8 2.16 -43.47 26.43
N GLN G 9 2.52 -43.30 27.70
CA GLN G 9 2.97 -41.98 28.21
C GLN G 9 4.01 -41.28 27.31
N VAL G 10 4.85 -42.04 26.62
CA VAL G 10 5.77 -41.43 25.65
C VAL G 10 5.01 -40.79 24.51
N ASN G 11 3.99 -41.48 23.99
CA ASN G 11 3.18 -40.93 22.90
C ASN G 11 2.59 -39.62 23.37
N VAL G 12 2.14 -39.61 24.63
CA VAL G 12 1.64 -38.38 25.23
C VAL G 12 2.69 -37.29 25.17
N LEU G 13 3.89 -37.63 25.62
CA LEU G 13 5.01 -36.70 25.59
C LEU G 13 5.31 -36.27 24.16
N LYS G 14 5.27 -37.23 23.25
CA LYS G 14 5.50 -36.92 21.83
C LYS G 14 4.47 -35.94 21.29
N LEU G 15 3.21 -36.12 21.66
CA LEU G 15 2.16 -35.24 21.21
C LEU G 15 2.46 -33.81 21.63
N THR G 16 2.78 -33.64 22.92
CA THR G 16 3.12 -32.32 23.43
C THR G 16 4.33 -31.77 22.69
N VAL G 17 5.27 -32.64 22.34
CA VAL G 17 6.43 -32.24 21.55
C VAL G 17 6.02 -31.66 20.21
N GLU G 18 5.07 -32.33 19.55
CA GLU G 18 4.61 -31.88 18.22
C GLU G 18 3.93 -30.51 18.29
N ASP G 19 3.11 -30.30 19.31
CA ASP G 19 2.45 -29.00 19.50
C ASP G 19 3.46 -27.90 19.81
N LEU G 20 4.45 -28.21 20.65
CA LEU G 20 5.50 -27.24 20.99
C LEU G 20 6.31 -26.82 19.80
N GLU G 21 6.69 -27.79 18.97
CA GLU G 21 7.48 -27.50 17.79
C GLU G 21 6.70 -26.66 16.79
N LYS G 22 5.41 -26.97 16.65
CA LYS G 22 4.52 -26.24 15.75
C LYS G 22 4.45 -24.78 16.17
N GLU G 23 4.28 -24.55 17.46
CA GLU G 23 4.21 -23.21 17.98
C GLU G 23 5.46 -22.38 17.75
N ARG G 24 6.63 -22.94 18.06
CA ARG G 24 7.84 -22.16 17.88
C ARG G 24 8.10 -21.80 16.42
N ASP G 25 7.84 -22.73 15.51
CA ASP G 25 8.05 -22.48 14.09
C ASP G 25 7.11 -21.39 13.59
N PHE G 26 5.88 -21.44 14.07
CA PHE G 26 4.86 -20.47 13.74
C PHE G 26 5.29 -19.10 14.21
N TYR G 27 5.78 -19.02 15.44
CA TYR G 27 6.26 -17.76 15.99
C TYR G 27 7.50 -17.28 15.26
N PHE G 28 8.38 -18.21 14.94
CA PHE G 28 9.61 -17.88 14.24
C PHE G 28 9.36 -17.34 12.84
N GLY G 29 8.39 -17.90 12.13
CA GLY G 29 8.07 -17.47 10.79
C GLY G 29 7.63 -16.03 10.80
N LYS G 30 6.79 -15.68 11.76
CA LYS G 30 6.32 -14.30 11.89
C LYS G 30 7.47 -13.33 12.10
N LEU G 31 8.46 -13.73 12.88
CA LEU G 31 9.63 -12.90 13.10
C LEU G 31 10.44 -12.74 11.82
N ARG G 32 10.55 -13.81 11.04
CA ARG G 32 11.25 -13.72 9.75
C ARG G 32 10.55 -12.77 8.81
N ASN G 33 9.23 -12.83 8.80
CA ASN G 33 8.44 -11.96 7.94
C ASN G 33 8.57 -10.52 8.36
N ILE G 34 8.54 -10.26 9.67
CA ILE G 34 8.67 -8.92 10.20
C ILE G 34 10.08 -8.40 9.95
N GLU G 35 11.05 -9.30 9.99
CA GLU G 35 12.44 -8.95 9.72
C GLU G 35 12.64 -8.46 8.28
N LEU G 36 11.97 -9.11 7.35
CA LEU G 36 12.06 -8.75 5.94
C LEU G 36 11.50 -7.35 5.72
N ILE G 37 10.39 -7.07 6.37
CA ILE G 37 9.77 -5.76 6.27
C ILE G 37 10.68 -4.64 6.76
N CYS G 38 11.34 -4.88 7.89
CA CYS G 38 12.29 -3.93 8.44
C CYS G 38 13.48 -3.73 7.50
N GLN G 39 13.99 -4.83 6.93
CA GLN G 39 15.06 -4.75 5.92
C GLN G 39 14.69 -3.92 4.68
N GLU G 40 13.45 -4.09 4.23
CA GLU G 40 12.89 -3.32 3.10
C GLU G 40 12.81 -1.82 3.38
N ASN G 41 12.65 -1.44 4.63
CA ASN G 41 12.50 -0.05 5.02
C ASN G 41 13.67 0.53 5.81
N GLU G 42 14.86 -0.04 5.64
CA GLU G 42 16.08 0.54 6.26
C GLU G 42 16.38 1.94 5.73
N GLY G 43 16.95 2.76 6.60
CA GLY G 43 17.46 4.07 6.20
C GLY G 43 16.42 5.16 6.12
N GLU G 44 15.24 4.94 6.68
CA GLU G 44 14.16 5.92 6.63
C GLU G 44 14.10 6.81 7.88
N ASN G 45 14.98 6.54 8.86
CA ASN G 45 14.92 7.19 10.19
C ASN G 45 13.52 7.11 10.82
N ASP G 46 12.87 5.96 10.66
CA ASP G 46 11.59 5.71 11.27
C ASP G 46 11.83 5.12 12.65
N PRO G 47 11.55 5.90 13.70
CA PRO G 47 11.83 5.46 15.06
C PRO G 47 11.02 4.23 15.46
N VAL G 48 9.77 4.12 14.99
CA VAL G 48 8.96 2.92 15.26
C VAL G 48 9.64 1.68 14.71
N LEU G 49 10.18 1.76 13.50
CA LEU G 49 10.86 0.59 12.92
C LEU G 49 12.15 0.27 13.66
N GLN G 50 12.84 1.30 14.14
CA GLN G 50 14.06 1.10 14.90
C GLN G 50 13.79 0.30 16.17
N ARG G 51 12.68 0.63 16.85
CA ARG G 51 12.29 -0.08 18.06
C ARG G 51 12.05 -1.55 17.77
N ILE G 52 11.38 -1.85 16.64
CA ILE G 52 11.06 -3.22 16.22
C ILE G 52 12.35 -4.00 15.92
N VAL G 53 13.26 -3.35 15.21
CA VAL G 53 14.56 -3.96 14.88
C VAL G 53 15.34 -4.33 16.14
N ASP G 54 15.33 -3.44 17.13
CA ASP G 54 16.06 -3.68 18.36
C ASP G 54 15.56 -4.92 19.08
N ILE G 55 14.24 -5.09 19.08
CA ILE G 55 13.64 -6.29 19.65
C ILE G 55 14.09 -7.57 18.98
N LEU G 56 14.00 -7.61 17.66
CA LEU G 56 14.38 -8.79 16.90
C LEU G 56 15.81 -9.19 17.17
N TYR G 57 16.69 -8.20 17.24
CA TYR G 57 18.10 -8.47 17.44
C TYR G 57 18.59 -8.40 18.87
N ALA G 58 17.69 -8.20 19.82
CA ALA G 58 18.08 -8.15 21.22
C ALA G 58 18.69 -9.47 21.66
N ALA H 3 15.41 -54.37 27.56
CA ALA H 3 13.99 -54.80 27.64
C ALA H 3 13.08 -53.69 27.09
N ALA H 4 12.63 -52.78 27.95
CA ALA H 4 11.84 -51.65 27.53
C ALA H 4 12.76 -50.45 27.55
N GLU H 5 13.06 -49.92 26.36
CA GLU H 5 13.89 -48.72 26.20
C GLU H 5 13.03 -47.44 26.15
N LEU H 6 11.78 -47.57 26.59
CA LEU H 6 10.84 -46.47 26.67
C LEU H 6 11.30 -45.47 27.71
N MET H 7 11.93 -45.96 28.78
CA MET H 7 12.46 -45.08 29.83
C MET H 7 13.42 -44.03 29.25
N GLN H 8 14.29 -44.47 28.35
CA GLN H 8 15.21 -43.55 27.67
C GLN H 8 14.46 -42.55 26.80
N GLN H 9 13.43 -43.02 26.10
CA GLN H 9 12.61 -42.14 25.28
C GLN H 9 12.04 -40.99 26.09
N VAL H 10 11.45 -41.31 27.25
CA VAL H 10 10.96 -40.29 28.18
C VAL H 10 12.09 -39.35 28.59
N ASN H 11 13.24 -39.94 28.91
CA ASN H 11 14.41 -39.18 29.30
C ASN H 11 14.80 -38.19 28.20
N VAL H 12 14.85 -38.67 26.96
CA VAL H 12 15.17 -37.80 25.82
C VAL H 12 14.04 -36.82 25.52
N LEU H 13 12.80 -37.30 25.49
CA LEU H 13 11.65 -36.43 25.20
C LEU H 13 11.47 -35.32 26.21
N LYS H 14 11.66 -35.62 27.49
CA LYS H 14 11.56 -34.60 28.53
C LYS H 14 12.58 -33.49 28.26
N LEU H 15 13.79 -33.91 27.90
CA LEU H 15 14.86 -32.97 27.55
C LEU H 15 14.49 -32.18 26.31
N THR H 16 13.94 -32.88 25.32
CA THR H 16 13.48 -32.21 24.12
C THR H 16 12.42 -31.16 24.45
N VAL H 17 11.45 -31.53 25.30
CA VAL H 17 10.39 -30.62 25.73
C VAL H 17 10.98 -29.39 26.43
N GLU H 18 11.97 -29.58 27.30
CA GLU H 18 12.63 -28.44 27.98
C GLU H 18 13.11 -27.41 26.94
N ASP H 19 13.81 -27.88 25.92
CA ASP H 19 14.38 -26.93 24.97
C ASP H 19 13.34 -26.31 24.04
N LEU H 20 12.36 -27.08 23.60
CA LEU H 20 11.29 -26.54 22.74
C LEU H 20 10.54 -25.40 23.40
N GLU H 21 10.13 -25.57 24.65
CA GLU H 21 9.43 -24.49 25.35
C GLU H 21 10.34 -23.28 25.52
N LYS H 22 11.64 -23.52 25.68
CA LYS H 22 12.58 -22.43 25.81
C LYS H 22 12.63 -21.62 24.52
N GLU H 23 12.84 -22.30 23.40
CA GLU H 23 12.93 -21.65 22.11
C GLU H 23 11.62 -20.96 21.76
N ARG H 24 10.52 -21.62 22.04
CA ARG H 24 9.19 -21.09 21.74
C ARG H 24 8.87 -19.84 22.55
N ASP H 25 9.24 -19.83 23.83
CA ASP H 25 8.97 -18.67 24.68
C ASP H 25 9.89 -17.49 24.30
N PHE H 26 11.07 -17.80 23.79
CA PHE H 26 12.04 -16.84 23.34
C PHE H 26 11.44 -16.07 22.17
N TYR H 27 10.98 -16.83 21.17
CA TYR H 27 10.39 -16.25 19.97
C TYR H 27 9.13 -15.45 20.24
N PHE H 28 8.28 -15.97 21.12
CA PHE H 28 7.04 -15.29 21.44
C PHE H 28 7.31 -13.98 22.16
N GLY H 29 8.35 -13.95 22.96
CA GLY H 29 8.72 -12.74 23.70
C GLY H 29 8.93 -11.57 22.76
N LYS H 30 9.69 -11.82 21.70
CA LYS H 30 9.97 -10.84 20.67
C LYS H 30 8.68 -10.37 20.04
N LEU H 31 7.80 -11.32 19.71
CA LEU H 31 6.53 -10.99 19.08
C LEU H 31 5.68 -10.12 19.97
N ARG H 32 5.60 -10.47 21.24
CA ARG H 32 4.81 -9.68 22.17
C ARG H 32 5.34 -8.24 22.28
N ASN H 33 6.65 -8.11 22.35
CA ASN H 33 7.29 -6.78 22.43
C ASN H 33 7.04 -5.98 21.14
N ILE H 34 7.11 -6.66 20.00
CA ILE H 34 6.78 -6.04 18.71
C ILE H 34 5.30 -5.62 18.69
N GLU H 35 4.43 -6.48 19.20
CA GLU H 35 3.01 -6.19 19.27
C GLU H 35 2.75 -4.94 20.08
N LEU H 36 3.48 -4.82 21.22
CA LEU H 36 3.40 -3.64 22.07
C LEU H 36 3.74 -2.37 21.35
N ILE H 37 4.81 -2.39 20.58
CA ILE H 37 5.17 -1.20 19.77
C ILE H 37 4.05 -0.80 18.80
N CYS H 38 3.48 -1.76 18.09
CA CYS H 38 2.39 -1.45 17.16
C CYS H 38 1.17 -0.90 17.91
N GLN H 39 0.86 -1.51 19.05
CA GLN H 39 -0.22 -1.05 19.91
C GLN H 39 0.07 0.36 20.48
N GLU H 40 1.34 0.66 20.72
CA GLU H 40 1.74 2.01 21.13
C GLU H 40 1.67 3.06 20.01
N ASN H 41 1.39 2.62 18.77
CA ASN H 41 1.30 3.51 17.58
C ASN H 41 0.07 3.19 16.70
N GLU H 42 -1.14 3.33 17.21
CA GLU H 42 -2.37 2.98 16.48
C GLU H 42 -3.06 4.21 15.87
N GLY H 43 -3.75 4.02 14.75
CA GLY H 43 -4.52 5.09 14.13
C GLY H 43 -3.73 5.97 13.16
N GLU H 44 -2.45 5.68 12.97
CA GLU H 44 -1.64 6.39 11.98
C GLU H 44 -2.11 6.02 10.57
N ASN H 45 -2.58 4.77 10.42
CA ASN H 45 -2.88 4.14 9.11
C ASN H 45 -1.63 4.10 8.23
N ASP H 46 -0.48 3.83 8.85
CA ASP H 46 0.74 3.69 8.11
C ASP H 46 0.77 2.31 7.46
N PRO H 47 1.08 2.24 6.15
CA PRO H 47 1.11 0.97 5.43
C PRO H 47 2.17 0.00 5.94
N VAL H 48 3.35 0.51 6.33
CA VAL H 48 4.41 -0.37 6.83
C VAL H 48 4.01 -1.03 8.13
N LEU H 49 3.44 -0.23 9.05
CA LEU H 49 2.97 -0.77 10.32
C LEU H 49 1.84 -1.76 10.13
N GLN H 50 0.95 -1.44 9.20
CA GLN H 50 -0.19 -2.29 8.88
C GLN H 50 0.24 -3.72 8.48
N ARG H 51 1.30 -3.81 7.69
CA ARG H 51 1.84 -5.09 7.26
C ARG H 51 2.39 -5.90 8.42
N ILE H 52 3.06 -5.21 9.33
CA ILE H 52 3.62 -5.87 10.50
C ILE H 52 2.48 -6.40 11.35
N VAL H 53 1.45 -5.58 11.51
CA VAL H 53 0.29 -5.97 12.30
C VAL H 53 -0.41 -7.16 11.66
N ASP H 54 -0.52 -7.16 10.33
CA ASP H 54 -1.14 -8.28 9.65
C ASP H 54 -0.34 -9.59 9.82
N ILE H 55 0.98 -9.51 9.84
CA ILE H 55 1.79 -10.69 10.10
C ILE H 55 1.56 -11.21 11.52
N LEU H 56 1.52 -10.29 12.47
CA LEU H 56 1.32 -10.66 13.87
C LEU H 56 0.04 -11.47 14.10
N TYR H 57 -1.08 -11.04 13.49
CA TYR H 57 -2.37 -11.68 13.74
C TYR H 57 -2.80 -12.66 12.68
N ALA H 58 -1.95 -12.93 11.68
CA ALA H 58 -2.31 -13.90 10.64
C ALA H 58 -2.53 -15.32 11.19
N LEU I 9 -5.55 16.47 -25.37
CA LEU I 9 -5.96 17.59 -24.46
C LEU I 9 -7.46 17.74 -24.48
N ARG I 10 -8.05 17.93 -23.32
CA ARG I 10 -9.49 18.11 -23.22
C ARG I 10 -9.73 19.54 -23.65
N PRO I 11 -10.39 19.74 -24.79
CA PRO I 11 -10.66 21.09 -25.30
C PRO I 11 -11.67 21.80 -24.42
N PRO I 12 -11.53 23.12 -24.29
CA PRO I 12 -12.46 23.87 -23.45
C PRO I 12 -13.86 23.79 -24.04
N THR I 13 -14.87 23.60 -23.20
CA THR I 13 -16.21 23.50 -23.74
C THR I 13 -16.60 24.86 -24.28
N PRO I 14 -17.16 24.86 -25.48
CA PRO I 14 -17.58 26.10 -26.13
C PRO I 14 -18.74 26.73 -25.40
N LEU I 15 -18.78 28.05 -25.36
CA LEU I 15 -19.84 28.75 -24.65
C LEU I 15 -21.20 28.63 -25.34
N THR J 7 6.96 29.17 -6.97
CA THR J 7 6.03 29.19 -8.15
C THR J 7 5.87 30.60 -8.72
N ARG J 8 6.11 30.73 -10.02
CA ARG J 8 6.00 32.01 -10.72
C ARG J 8 4.81 32.02 -11.68
N LEU J 9 3.96 31.00 -11.60
CA LEU J 9 2.75 30.95 -12.44
C LEU J 9 1.78 32.02 -12.01
N ARG J 10 0.95 32.49 -12.94
CA ARG J 10 -0.08 33.46 -12.61
C ARG J 10 -1.18 32.65 -11.93
N PRO J 11 -1.35 32.82 -10.63
CA PRO J 11 -2.40 32.08 -9.92
C PRO J 11 -3.76 32.57 -10.39
N PRO J 12 -4.73 31.66 -10.51
CA PRO J 12 -6.07 32.04 -10.97
C PRO J 12 -6.74 32.99 -10.00
N THR J 13 -7.46 33.98 -10.50
CA THR J 13 -8.12 34.90 -9.58
C THR J 13 -9.20 34.16 -8.82
N PRO J 14 -9.25 34.38 -7.52
CA PRO J 14 -10.22 33.70 -6.66
C PRO J 14 -11.65 34.06 -6.96
N LEU J 15 -12.55 33.09 -6.81
CA LEU J 15 -13.98 33.27 -7.04
C LEU J 15 -14.69 34.16 -6.02
N SER J 16 -14.06 34.38 -4.84
CA SER J 16 -14.56 35.29 -3.82
C SER J 16 -14.55 36.68 -4.45
N GLN J 17 -13.46 37.00 -5.14
CA GLN J 17 -13.30 38.21 -5.94
C GLN J 17 -14.09 38.04 -7.25
N LEU J 18 -14.33 39.16 -7.94
CA LEU J 18 -15.09 39.29 -9.21
C LEU J 18 -16.62 39.19 -9.03
N LEU J 19 -17.08 39.15 -7.79
CA LEU J 19 -18.49 39.08 -7.48
C LEU J 19 -18.79 39.53 -6.05
N THR K 7 1.42 19.52 13.70
CA THR K 7 0.97 19.54 12.27
C THR K 7 0.64 20.96 11.78
N ARG K 8 1.33 21.40 10.74
CA ARG K 8 1.07 22.71 10.16
C ARG K 8 0.19 22.59 8.91
N LEU K 9 -0.27 21.39 8.58
CA LEU K 9 -1.18 21.17 7.46
C LEU K 9 -2.50 21.89 7.73
N ARG K 10 -3.14 22.40 6.69
CA ARG K 10 -4.44 23.03 6.86
C ARG K 10 -5.41 21.92 7.23
N PRO K 11 -5.95 21.98 8.43
CA PRO K 11 -6.88 20.94 8.88
C PRO K 11 -8.20 20.97 8.12
N PRO K 12 -8.77 19.81 7.88
CA PRO K 12 -10.05 19.75 7.19
C PRO K 12 -11.09 20.36 8.09
N THR K 13 -11.99 21.17 7.57
CA THR K 13 -12.99 21.77 8.43
C THR K 13 -13.93 20.70 8.96
N PRO K 14 -14.25 20.79 10.25
CA PRO K 14 -15.14 19.81 10.88
C PRO K 14 -16.52 19.88 10.26
N LEU K 15 -17.16 18.73 10.17
CA LEU K 15 -18.48 18.60 9.57
C LEU K 15 -19.54 19.44 10.29
N SER K 16 -19.43 19.51 11.62
CA SER K 16 -20.33 20.30 12.42
C SER K 16 -20.54 21.71 11.88
N GLN K 17 -19.49 22.34 11.37
CA GLN K 17 -19.65 23.68 10.84
C GLN K 17 -20.30 23.48 9.47
N LEU K 18 -21.63 23.55 9.47
CA LEU K 18 -22.47 23.35 8.30
C LEU K 18 -23.89 23.81 8.63
N ARG L 8 -0.74 6.20 -9.69
CA ARG L 8 -1.40 5.12 -8.96
C ARG L 8 -2.21 5.61 -7.77
N LEU L 9 -2.33 6.92 -7.62
CA LEU L 9 -3.12 7.48 -6.55
C LEU L 9 -4.58 7.21 -6.83
N ARG L 10 -5.37 7.01 -5.79
CA ARG L 10 -6.79 6.81 -5.97
C ARG L 10 -7.33 8.15 -6.42
N PRO L 11 -7.88 8.22 -7.63
CA PRO L 11 -8.43 9.45 -8.16
C PRO L 11 -9.75 9.81 -7.51
N PRO L 12 -10.01 11.10 -7.34
CA PRO L 12 -11.26 11.54 -6.72
C PRO L 12 -12.42 11.12 -7.60
N THR L 13 -13.50 10.63 -7.01
CA THR L 13 -14.62 10.23 -7.83
C THR L 13 -15.28 11.46 -8.42
N PRO L 14 -15.70 11.36 -9.67
CA PRO L 14 -16.37 12.47 -10.34
C PRO L 14 -17.68 12.76 -9.63
N LEU L 15 -18.05 14.04 -9.56
CA LEU L 15 -19.25 14.45 -8.84
C LEU L 15 -20.53 13.87 -9.43
N SER L 16 -20.56 13.74 -10.75
CA SER L 16 -21.70 13.17 -11.47
C SER L 16 -22.18 11.87 -10.81
N GLN L 17 -21.23 11.06 -10.35
CA GLN L 17 -21.50 9.81 -9.66
C GLN L 17 -21.69 10.01 -8.16
N THR M 7 14.41 -19.77 -13.91
CA THR M 7 13.80 -19.27 -12.65
C THR M 7 14.85 -18.83 -11.66
N ARG M 8 14.56 -17.78 -10.91
CA ARG M 8 15.44 -17.29 -9.87
C ARG M 8 15.04 -17.86 -8.49
N LEU M 9 13.97 -18.64 -8.46
CA LEU M 9 13.48 -19.21 -7.21
C LEU M 9 14.31 -20.38 -6.73
N ARG M 10 14.05 -20.80 -5.51
CA ARG M 10 14.73 -21.92 -4.94
C ARG M 10 13.97 -23.10 -5.44
N PRO M 11 14.61 -23.90 -6.28
CA PRO M 11 13.97 -25.07 -6.87
C PRO M 11 13.71 -26.18 -5.89
N PRO M 12 12.66 -26.96 -6.14
CA PRO M 12 12.33 -28.08 -5.28
C PRO M 12 13.41 -29.12 -5.43
N THR M 13 13.94 -29.64 -4.33
CA THR M 13 14.97 -30.64 -4.44
C THR M 13 14.37 -31.87 -5.07
N PRO M 14 15.07 -32.43 -6.05
CA PRO M 14 14.57 -33.61 -6.75
C PRO M 14 14.45 -34.77 -5.79
N LEU M 15 13.41 -35.58 -5.98
CA LEU M 15 13.14 -36.69 -5.09
C LEU M 15 14.26 -37.72 -5.06
N SER M 16 14.88 -37.96 -6.21
CA SER M 16 15.97 -38.92 -6.33
C SER M 16 17.13 -38.54 -5.44
N GLN M 17 17.45 -37.25 -5.36
CA GLN M 17 18.54 -36.82 -4.49
C GLN M 17 18.21 -37.13 -3.03
N LEU M 18 16.97 -36.93 -2.64
CA LEU M 18 16.52 -37.22 -1.29
C LEU M 18 16.61 -38.72 -1.01
N LEU M 19 16.25 -39.52 -2.00
CA LEU M 19 16.28 -40.97 -1.87
C LEU M 19 17.52 -41.60 -2.49
N THR N 7 -8.04 -16.83 5.03
CA THR N 7 -7.24 -17.41 3.91
C THR N 7 -8.10 -18.31 3.04
N ARG N 8 -7.96 -18.16 1.72
CA ARG N 8 -8.67 -19.03 0.78
C ARG N 8 -7.72 -20.04 0.13
N LEU N 9 -6.47 -20.08 0.57
CA LEU N 9 -5.49 -21.01 0.00
C LEU N 9 -5.80 -22.43 0.44
N ARG N 10 -5.47 -23.39 -0.40
CA ARG N 10 -5.65 -24.79 -0.04
C ARG N 10 -4.61 -25.12 0.99
N PRO N 11 -5.02 -25.35 2.22
CA PRO N 11 -4.10 -25.65 3.31
C PRO N 11 -3.39 -26.99 3.15
N PRO N 12 -2.15 -27.07 3.58
CA PRO N 12 -1.39 -28.30 3.48
C PRO N 12 -1.96 -29.32 4.46
N THR N 13 -2.16 -30.54 4.00
CA THR N 13 -2.69 -31.56 4.88
C THR N 13 -1.69 -31.86 5.98
N PRO N 14 -2.19 -32.02 7.20
CA PRO N 14 -1.34 -32.27 8.36
C PRO N 14 -0.58 -33.57 8.24
N LEU N 15 0.65 -33.58 8.73
CA LEU N 15 1.52 -34.75 8.66
C LEU N 15 0.95 -35.95 9.37
N SER N 16 0.28 -35.73 10.49
CA SER N 16 -0.29 -36.82 11.26
C SER N 16 -1.29 -37.63 10.44
N GLN N 17 -2.11 -36.97 9.63
CA GLN N 17 -3.07 -37.68 8.80
C GLN N 17 -2.35 -38.58 7.80
N LEU N 18 -1.26 -38.10 7.23
CA LEU N 18 -0.50 -38.87 6.25
C LEU N 18 0.20 -40.09 6.86
N ARG O 4 -5.28 -1.58 29.00
CA ARG O 4 -5.85 -2.58 28.04
C ARG O 4 -5.05 -2.71 26.74
N ARG O 5 -3.76 -2.99 26.90
CA ARG O 5 -2.89 -3.39 25.77
C ARG O 5 -2.64 -4.90 25.90
N ARG O 6 -3.73 -5.60 26.20
CA ARG O 6 -3.77 -7.05 26.25
C ARG O 6 -3.32 -7.61 24.90
N THR O 7 -2.52 -8.66 24.95
CA THR O 7 -2.09 -9.34 23.76
C THR O 7 -3.28 -9.89 23.01
N ARG O 8 -3.24 -9.75 21.69
CA ARG O 8 -4.20 -10.37 20.81
C ARG O 8 -3.52 -11.44 19.97
N LEU O 9 -2.26 -11.79 20.30
CA LEU O 9 -1.57 -12.90 19.63
C LEU O 9 -2.18 -14.22 20.07
N ARG O 10 -2.04 -15.27 19.25
CA ARG O 10 -2.51 -16.58 19.70
C ARG O 10 -1.63 -16.95 20.90
N PRO O 11 -2.27 -17.19 22.06
CA PRO O 11 -1.50 -17.41 23.26
C PRO O 11 -0.71 -18.72 23.18
N PRO O 12 0.53 -18.70 23.69
CA PRO O 12 1.32 -19.92 23.77
C PRO O 12 0.75 -20.84 24.86
N THR O 13 0.85 -22.15 24.64
CA THR O 13 0.20 -23.15 25.48
C THR O 13 1.04 -23.57 26.68
N PRO O 14 0.50 -23.42 27.89
CA PRO O 14 1.11 -23.99 29.11
C PRO O 14 1.12 -25.52 29.11
N LEU O 15 2.09 -26.11 29.81
CA LEU O 15 2.13 -27.57 29.99
C LEU O 15 1.26 -28.00 31.17
N THR P 7 19.56 -13.58 7.18
CA THR P 7 18.82 -13.31 8.38
C THR P 7 19.75 -13.24 9.59
N ARG P 8 19.48 -12.32 10.49
CA ARG P 8 20.30 -12.18 11.69
C ARG P 8 19.65 -12.79 12.93
N LEU P 9 18.52 -13.46 12.75
CA LEU P 9 17.82 -14.08 13.85
C LEU P 9 18.46 -15.41 14.25
N ARG P 10 18.01 -15.96 15.38
CA ARG P 10 18.52 -17.23 15.85
C ARG P 10 17.66 -18.31 15.22
N PRO P 11 18.23 -19.05 14.28
CA PRO P 11 17.47 -20.12 13.63
C PRO P 11 17.18 -21.19 14.67
N PRO P 12 15.97 -21.73 14.69
CA PRO P 12 15.63 -22.75 15.66
C PRO P 12 16.50 -23.97 15.42
N THR P 13 17.06 -24.52 16.49
CA THR P 13 17.89 -25.69 16.35
C THR P 13 16.97 -26.77 15.88
N PRO P 14 17.35 -27.44 14.79
CA PRO P 14 16.51 -28.49 14.24
C PRO P 14 16.37 -29.63 15.24
N LEU P 15 15.20 -30.22 15.34
CA LEU P 15 15.02 -31.29 16.32
C LEU P 15 15.50 -32.63 15.80
N SER P 16 16.81 -32.79 15.74
CA SER P 16 17.43 -34.04 15.32
C SER P 16 17.73 -34.94 16.52
N GLN P 17 17.38 -34.49 17.73
CA GLN P 17 17.59 -35.23 18.96
C GLN P 17 16.32 -35.97 19.36
#